data_4FLA
#
_entry.id   4FLA
#
_cell.length_a   100.221
_cell.length_b   100.221
_cell.length_c   142.887
_cell.angle_alpha   90.000
_cell.angle_beta   90.000
_cell.angle_gamma   90.000
#
_symmetry.space_group_name_H-M   'P 4 21 2'
#
loop_
_entity.id
_entity.type
_entity.pdbx_description
1 polymer 'Regulation of nuclear pre-mRNA domain-containing protein 1B'
2 non-polymer 'UNKNOWN ATOM OR ION'
3 water water
#
_entity_poly.entity_id   1
_entity_poly.type   'polypeptide(L)'
_entity_poly.pdbx_seq_one_letter_code
;MHHHHHHSSGRENLYFQGAGPLLTEELIKALQDLENAASGDATVRQKIASLPQEVQDVSLLEKITDKEAAERLSKTVDEA
CLLLAEYNGRLAAELEDRRQLARMLVEYTQNQKDVLSEKEKKLEEYKQKLARVTQVRKELKSHIQSLPDLSL
;
_entity_poly.pdbx_strand_id   A,B,C,D
#
loop_
_chem_comp.id
_chem_comp.type
_chem_comp.name
_chem_comp.formula
UNX non-polymer 'UNKNOWN ATOM OR ION' ?
#
# COMPACT_ATOMS: atom_id res chain seq x y z
N LEU A 23 -19.12 6.18 28.11
CA LEU A 23 -19.58 6.98 26.94
C LEU A 23 -18.73 8.26 26.82
N THR A 24 -18.70 9.04 27.89
CA THR A 24 -17.87 10.24 27.96
C THR A 24 -16.41 9.85 27.90
N GLU A 25 -16.04 8.84 28.69
CA GLU A 25 -14.70 8.32 28.69
C GLU A 25 -14.31 7.84 27.26
N GLU A 26 -15.26 7.20 26.57
CA GLU A 26 -15.03 6.71 25.20
C GLU A 26 -14.83 7.88 24.23
N LEU A 27 -15.68 8.90 24.35
CA LEU A 27 -15.58 10.08 23.47
C LEU A 27 -14.25 10.82 23.66
N ILE A 28 -13.80 10.91 24.91
CA ILE A 28 -12.50 11.51 25.21
C ILE A 28 -11.34 10.74 24.58
N LYS A 29 -11.32 9.42 24.77
CA LYS A 29 -10.27 8.55 24.19
C LYS A 29 -10.17 8.77 22.69
N ALA A 30 -11.33 8.76 22.03
CA ALA A 30 -11.38 9.02 20.58
C ALA A 30 -10.80 10.36 20.19
N LEU A 31 -11.16 11.42 20.93
CA LEU A 31 -10.69 12.78 20.61
C LEU A 31 -9.18 12.93 20.79
N GLN A 32 -8.67 12.39 21.90
CA GLN A 32 -7.23 12.37 22.18
C GLN A 32 -6.45 11.63 21.08
N ASP A 33 -6.87 10.41 20.76
CA ASP A 33 -6.21 9.57 19.74
C ASP A 33 -6.07 10.32 18.44
N LEU A 34 -7.20 10.75 17.92
CA LEU A 34 -7.24 11.47 16.66
C LEU A 34 -6.32 12.68 16.67
N GLU A 35 -6.32 13.40 17.81
CA GLU A 35 -5.45 14.58 17.98
C GLU A 35 -3.98 14.25 17.86
N ASN A 36 -3.58 13.13 18.43
CA ASN A 36 -2.17 12.70 18.42
C ASN A 36 -1.56 12.48 16.99
N ALA A 37 -2.37 12.02 16.03
CA ALA A 37 -1.90 11.74 14.66
C ALA A 37 -1.47 13.01 13.86
N ALA A 38 -2.04 14.17 14.19
CA ALA A 38 -2.11 15.34 13.27
C ALA A 38 -0.75 15.97 12.91
N SER A 39 0.15 16.02 13.89
CA SER A 39 1.49 16.54 13.71
C SER A 39 2.29 15.64 12.77
N GLY A 40 2.27 14.33 13.03
CA GLY A 40 2.89 13.33 12.15
C GLY A 40 2.36 13.40 10.73
N ASP A 41 1.11 13.84 10.57
CA ASP A 41 0.45 13.91 9.27
C ASP A 41 1.03 15.01 8.42
N ALA A 42 1.08 16.21 8.99
CA ALA A 42 1.56 17.39 8.26
C ALA A 42 3.01 17.23 7.84
N THR A 43 3.81 16.58 8.68
CA THR A 43 5.21 16.31 8.36
C THR A 43 5.39 15.37 7.18
N VAL A 44 4.54 14.34 7.10
CA VAL A 44 4.64 13.37 6.01
C VAL A 44 4.18 14.04 4.71
N ARG A 45 3.14 14.85 4.80
CA ARG A 45 2.68 15.62 3.67
C ARG A 45 3.77 16.56 3.11
N GLN A 46 4.53 17.21 3.99
CA GLN A 46 5.66 18.07 3.55
C GLN A 46 6.73 17.26 2.83
N LYS A 47 6.98 16.05 3.32
CA LYS A 47 8.00 15.16 2.69
C LYS A 47 7.57 14.80 1.27
N ILE A 48 6.29 14.53 1.10
CA ILE A 48 5.76 14.22 -0.22
C ILE A 48 5.81 15.45 -1.15
N ALA A 49 5.48 16.63 -0.63
CA ALA A 49 5.57 17.89 -1.36
C ALA A 49 6.95 18.16 -1.87
N SER A 50 8.00 17.76 -1.14
CA SER A 50 9.42 17.97 -1.56
C SER A 50 9.93 17.03 -2.59
N LEU A 51 9.15 16.04 -2.98
CA LEU A 51 9.55 15.19 -4.10
C LEU A 51 9.70 16.05 -5.35
N PRO A 52 10.70 15.76 -6.17
CA PRO A 52 10.97 16.59 -7.34
C PRO A 52 10.10 16.13 -8.53
N GLN A 53 9.94 17.02 -9.52
CA GLN A 53 9.01 16.78 -10.66
C GLN A 53 9.30 15.51 -11.39
N GLU A 54 10.58 15.14 -11.44
CA GLU A 54 11.01 14.00 -12.21
C GLU A 54 10.52 12.66 -11.68
N VAL A 55 10.10 12.57 -10.41
CA VAL A 55 9.54 11.26 -9.96
C VAL A 55 8.09 11.06 -10.36
N GLN A 56 7.40 12.12 -10.82
CA GLN A 56 5.98 12.01 -11.18
C GLN A 56 5.59 12.41 -12.61
N ASP A 57 6.55 12.79 -13.44
CA ASP A 57 6.27 13.25 -14.81
C ASP A 57 7.08 12.42 -15.81
N VAL A 58 6.38 11.47 -16.41
CA VAL A 58 7.03 10.54 -17.27
C VAL A 58 7.56 11.22 -18.54
N SER A 59 6.97 12.35 -18.96
CA SER A 59 7.49 13.06 -20.17
C SER A 59 8.91 13.56 -20.00
N LEU A 60 9.39 13.70 -18.77
CA LEU A 60 10.76 14.17 -18.54
C LEU A 60 11.82 13.09 -18.63
N LEU A 61 11.46 11.81 -18.81
CA LEU A 61 12.44 10.72 -18.86
C LEU A 61 13.46 10.89 -19.99
N GLU A 62 13.05 11.58 -21.04
CA GLU A 62 13.91 11.94 -22.15
C GLU A 62 15.20 12.68 -21.74
N LYS A 63 15.18 13.36 -20.61
CA LYS A 63 16.39 14.00 -20.05
C LYS A 63 17.40 12.97 -19.49
N ILE A 64 16.98 11.75 -19.19
CA ILE A 64 17.89 10.72 -18.68
C ILE A 64 18.63 10.12 -19.87
N THR A 65 19.94 10.33 -19.95
CA THR A 65 20.71 9.80 -21.08
C THR A 65 21.84 8.86 -20.70
N ASP A 66 21.98 8.53 -19.43
CA ASP A 66 22.89 7.41 -19.05
C ASP A 66 22.30 6.60 -17.92
N LYS A 67 22.82 5.37 -17.77
CA LYS A 67 22.34 4.44 -16.75
C LYS A 67 22.61 4.89 -15.33
N GLU A 68 23.62 5.71 -15.10
CA GLU A 68 23.86 6.12 -13.73
C GLU A 68 22.76 7.07 -13.26
N ALA A 69 22.40 8.01 -14.14
CA ALA A 69 21.33 8.97 -13.85
C ALA A 69 20.00 8.21 -13.69
N ALA A 70 19.77 7.24 -14.57
CA ALA A 70 18.57 6.40 -14.51
C ALA A 70 18.47 5.67 -13.18
N GLU A 71 19.58 5.06 -12.75
CA GLU A 71 19.60 4.33 -11.48
C GLU A 71 19.38 5.29 -10.30
N ARG A 72 19.98 6.48 -10.32
CA ARG A 72 19.70 7.46 -9.25
C ARG A 72 18.21 7.78 -9.18
N LEU A 73 17.60 8.02 -10.32
CA LEU A 73 16.18 8.40 -10.34
C LEU A 73 15.34 7.20 -9.90
N SER A 74 15.68 6.02 -10.38
CA SER A 74 15.00 4.80 -9.99
C SER A 74 14.97 4.56 -8.46
N LYS A 75 16.07 4.83 -7.80
CA LYS A 75 16.13 4.74 -6.33
C LYS A 75 15.17 5.75 -5.69
N THR A 76 15.17 6.97 -6.21
CA THR A 76 14.30 8.03 -5.68
C THR A 76 12.83 7.68 -5.91
N VAL A 77 12.53 7.16 -7.09
CA VAL A 77 11.17 6.75 -7.44
C VAL A 77 10.68 5.64 -6.52
N ASP A 78 11.54 4.65 -6.25
CA ASP A 78 11.19 3.60 -5.26
C ASP A 78 10.88 4.18 -3.90
N GLU A 79 11.72 5.08 -3.39
CA GLU A 79 11.42 5.73 -2.08
C GLU A 79 10.09 6.44 -2.10
N ALA A 80 9.82 7.16 -3.20
CA ALA A 80 8.55 7.89 -3.34
C ALA A 80 7.35 6.95 -3.30
N CYS A 81 7.42 5.82 -4.01
CA CYS A 81 6.32 4.84 -4.03
C CYS A 81 6.02 4.34 -2.64
N LEU A 82 7.08 3.95 -1.89
CA LEU A 82 6.90 3.53 -0.48
C LEU A 82 6.29 4.62 0.39
N LEU A 83 6.82 5.84 0.33
CA LEU A 83 6.27 6.94 1.11
C LEU A 83 4.80 7.24 0.82
N LEU A 84 4.44 7.30 -0.45
CA LEU A 84 3.04 7.57 -0.84
C LEU A 84 2.11 6.41 -0.47
N ALA A 85 2.55 5.19 -0.71
CA ALA A 85 1.70 4.02 -0.34
C ALA A 85 1.44 3.98 1.16
N GLU A 86 2.48 4.18 1.95
CA GLU A 86 2.32 4.11 3.42
C GLU A 86 1.45 5.25 3.89
N TYR A 87 1.63 6.43 3.31
CA TYR A 87 0.82 7.55 3.73
C TYR A 87 -0.64 7.39 3.30
N ASN A 88 -0.88 6.91 2.09
CA ASN A 88 -2.26 6.75 1.62
C ASN A 88 -3.03 5.72 2.49
N GLY A 89 -2.35 4.67 2.94
CA GLY A 89 -2.95 3.70 3.89
C GLY A 89 -3.27 4.33 5.23
N ARG A 90 -2.30 5.12 5.73
CA ARG A 90 -2.48 5.89 7.00
C ARG A 90 -3.65 6.84 6.92
N LEU A 91 -3.70 7.62 5.85
CA LEU A 91 -4.76 8.60 5.68
C LEU A 91 -6.14 7.98 5.55
N ALA A 92 -6.25 6.88 4.82
CA ALA A 92 -7.52 6.16 4.70
C ALA A 92 -8.04 5.67 6.06
N ALA A 93 -7.13 5.20 6.90
CA ALA A 93 -7.47 4.74 8.25
C ALA A 93 -7.90 5.92 9.14
N GLU A 94 -7.27 7.07 8.96
CA GLU A 94 -7.64 8.25 9.69
C GLU A 94 -9.04 8.71 9.28
N LEU A 95 -9.35 8.69 7.98
CA LEU A 95 -10.71 9.05 7.56
C LEU A 95 -11.76 8.16 8.20
N GLU A 96 -11.48 6.85 8.31
CA GLU A 96 -12.36 5.97 9.02
C GLU A 96 -12.56 6.43 10.46
N ASP A 97 -11.46 6.74 11.17
CA ASP A 97 -11.53 7.21 12.56
C ASP A 97 -12.37 8.48 12.68
N ARG A 98 -12.25 9.37 11.71
CA ARG A 98 -13.01 10.62 11.73
C ARG A 98 -14.48 10.43 11.47
N ARG A 99 -14.83 9.55 10.55
CA ARG A 99 -16.23 9.30 10.34
C ARG A 99 -16.85 8.71 11.59
N GLN A 100 -16.05 7.90 12.30
CA GLN A 100 -16.51 7.25 13.52
C GLN A 100 -16.72 8.27 14.61
N LEU A 101 -15.73 9.15 14.79
CA LEU A 101 -15.86 10.25 15.75
C LEU A 101 -17.08 11.12 15.44
N ALA A 102 -17.27 11.47 14.17
CA ALA A 102 -18.44 12.24 13.77
C ALA A 102 -19.72 11.55 14.24
N ARG A 103 -19.81 10.23 14.05
CA ARG A 103 -20.97 9.46 14.53
C ARG A 103 -21.11 9.51 16.04
N MET A 104 -20.00 9.35 16.75
CA MET A 104 -20.00 9.44 18.19
C MET A 104 -20.43 10.83 18.70
N LEU A 105 -20.04 11.89 17.99
CA LEU A 105 -20.45 13.23 18.37
C LEU A 105 -21.94 13.45 18.17
N VAL A 106 -22.49 13.01 17.05
CA VAL A 106 -23.92 13.14 16.82
C VAL A 106 -24.72 12.40 17.91
N GLU A 107 -24.30 11.17 18.21
CA GLU A 107 -24.97 10.35 19.23
C GLU A 107 -24.85 11.00 20.61
N TYR A 108 -23.66 11.51 20.95
CA TYR A 108 -23.45 12.12 22.26
C TYR A 108 -24.27 13.40 22.40
N THR A 109 -24.34 14.18 21.33
CA THR A 109 -25.17 15.40 21.33
C THR A 109 -26.64 15.07 21.56
N GLN A 110 -27.19 14.11 20.82
CA GLN A 110 -28.59 13.67 21.04
C GLN A 110 -28.85 13.20 22.48
N ASN A 111 -27.92 12.43 23.06
CA ASN A 111 -28.02 12.01 24.46
C ASN A 111 -27.98 13.18 25.45
N GLN A 112 -27.14 14.18 25.21
CA GLN A 112 -27.07 15.39 26.05
C GLN A 112 -28.34 16.22 26.00
N LYS A 113 -28.94 16.34 24.81
CA LYS A 113 -30.25 16.98 24.68
C LYS A 113 -31.29 16.28 25.59
N ASP A 114 -31.34 14.96 25.57
CA ASP A 114 -32.28 14.19 26.39
C ASP A 114 -32.02 14.36 27.86
N VAL A 115 -30.76 14.30 28.26
CA VAL A 115 -30.38 14.49 29.66
C VAL A 115 -30.73 15.91 30.12
N LEU A 116 -30.48 16.88 29.27
CA LEU A 116 -30.75 18.27 29.58
C LEU A 116 -32.23 18.47 29.89
N SER A 117 -33.12 17.94 29.04
CA SER A 117 -34.54 18.16 29.23
C SER A 117 -35.07 17.43 30.47
N GLU A 118 -34.50 16.25 30.78
CA GLU A 118 -34.80 15.55 32.00
C GLU A 118 -34.44 16.39 33.22
N LYS A 119 -33.25 16.99 33.18
CA LYS A 119 -32.76 17.77 34.31
C LYS A 119 -33.55 19.08 34.46
N GLU A 120 -33.95 19.69 33.35
CA GLU A 120 -34.85 20.83 33.38
C GLU A 120 -36.15 20.47 34.10
N LYS A 121 -36.74 19.33 33.76
CA LYS A 121 -37.95 18.88 34.44
C LYS A 121 -37.71 18.75 35.96
N LYS A 122 -36.61 18.11 36.33
CA LYS A 122 -36.31 17.90 37.74
C LYS A 122 -36.12 19.20 38.50
N LEU A 123 -35.44 20.16 37.91
CA LEU A 123 -35.25 21.43 38.55
C LEU A 123 -36.60 22.13 38.78
N GLU A 124 -37.50 22.07 37.81
CA GLU A 124 -38.84 22.63 38.05
C GLU A 124 -39.49 22.01 39.25
N GLU A 125 -39.39 20.69 39.39
CA GLU A 125 -39.99 19.99 40.53
C GLU A 125 -39.40 20.46 41.89
N TYR A 126 -38.10 20.70 41.92
CA TYR A 126 -37.43 21.15 43.16
C TYR A 126 -37.69 22.64 43.45
N LYS A 127 -37.86 23.46 42.41
CA LYS A 127 -38.32 24.84 42.59
C LYS A 127 -39.73 24.86 43.16
N GLN A 128 -40.60 24.01 42.61
CA GLN A 128 -41.95 23.87 43.18
C GLN A 128 -41.89 23.41 44.64
N LYS A 129 -41.03 22.46 44.95
CA LYS A 129 -40.90 21.97 46.34
C LYS A 129 -40.47 23.10 47.28
N LEU A 130 -39.48 23.87 46.85
CA LEU A 130 -39.05 25.03 47.65
C LEU A 130 -40.16 26.03 47.83
N ALA A 131 -40.98 26.22 46.79
CA ALA A 131 -42.09 27.19 46.91
C ALA A 131 -43.13 26.69 47.91
N ARG A 132 -43.36 25.40 47.95
CA ARG A 132 -44.26 24.85 48.99
C ARG A 132 -43.70 25.05 50.38
N VAL A 133 -42.40 24.82 50.54
CA VAL A 133 -41.78 24.91 51.87
C VAL A 133 -41.85 26.35 52.32
N THR A 134 -41.59 27.28 51.39
CA THR A 134 -41.71 28.71 51.64
C THR A 134 -43.12 29.10 52.06
N GLN A 135 -44.12 28.53 51.38
CA GLN A 135 -45.50 28.75 51.80
C GLN A 135 -45.73 28.28 53.23
N VAL A 136 -45.26 27.07 53.56
CA VAL A 136 -45.38 26.58 54.96
C VAL A 136 -44.65 27.50 55.96
N ARG A 137 -43.45 27.92 55.61
CA ARG A 137 -42.70 28.78 56.51
C ARG A 137 -43.46 30.05 56.81
N LYS A 138 -43.99 30.68 55.76
CA LYS A 138 -44.73 31.91 55.91
C LYS A 138 -45.93 31.69 56.77
N GLU A 139 -46.69 30.65 56.45
CA GLU A 139 -47.93 30.41 57.17
C GLU A 139 -47.73 29.98 58.64
N LEU A 140 -46.63 29.29 58.90
CA LEU A 140 -46.30 28.86 60.25
C LEU A 140 -45.93 30.05 61.10
N LYS A 141 -45.26 31.03 60.49
CA LYS A 141 -44.90 32.27 61.25
C LYS A 141 -46.10 32.96 61.73
N SER A 142 -47.13 32.95 60.90
CA SER A 142 -48.41 33.52 61.28
C SER A 142 -49.16 32.62 62.28
N HIS A 143 -49.17 31.30 62.04
CA HIS A 143 -49.85 30.35 62.93
C HIS A 143 -49.33 30.40 64.36
N ILE A 144 -48.03 30.49 64.51
CA ILE A 144 -47.38 30.61 65.81
C ILE A 144 -47.90 31.76 66.70
N GLN A 145 -48.31 32.86 66.07
CA GLN A 145 -48.85 34.02 66.81
C GLN A 145 -50.21 33.76 67.42
N SER A 146 -51.00 32.85 66.84
CA SER A 146 -52.29 32.45 67.43
C SER A 146 -52.19 31.46 68.60
N LEU A 147 -51.00 30.92 68.87
CA LEU A 147 -50.85 29.90 69.92
C LEU A 147 -50.62 30.54 71.29
N PRO A 148 -51.05 29.87 72.37
CA PRO A 148 -50.55 30.31 73.68
C PRO A 148 -49.10 29.88 73.87
N LEU B 23 -8.84 23.77 21.38
CA LEU B 23 -10.25 23.46 21.03
C LEU B 23 -10.60 22.03 21.50
N THR B 24 -9.81 21.05 21.05
CA THR B 24 -9.98 19.67 21.49
C THR B 24 -9.69 19.57 22.98
N GLU B 25 -8.59 20.18 23.40
CA GLU B 25 -8.23 20.24 24.83
C GLU B 25 -9.36 20.87 25.64
N GLU B 26 -9.97 21.92 25.09
CA GLU B 26 -11.07 22.62 25.75
C GLU B 26 -12.31 21.70 25.86
N LEU B 27 -12.64 21.02 24.77
CA LEU B 27 -13.79 20.11 24.76
C LEU B 27 -13.62 18.95 25.76
N ILE B 28 -12.40 18.42 25.86
CA ILE B 28 -12.09 17.37 26.85
C ILE B 28 -12.26 17.87 28.30
N LYS B 29 -11.69 19.04 28.61
CA LYS B 29 -11.83 19.65 29.95
C LYS B 29 -13.31 19.79 30.34
N ALA B 30 -14.11 20.32 29.41
CA ALA B 30 -15.56 20.46 29.63
C ALA B 30 -16.25 19.14 29.93
N LEU B 31 -15.90 18.11 29.17
CA LEU B 31 -16.54 16.79 29.34
C LEU B 31 -16.16 16.17 30.70
N GLN B 32 -14.87 16.24 31.04
CA GLN B 32 -14.37 15.77 32.33
C GLN B 32 -15.07 16.49 33.50
N ASP B 33 -15.10 17.82 33.46
CA ASP B 33 -15.71 18.65 34.53
C ASP B 33 -17.13 18.24 34.80
N LEU B 34 -17.93 18.27 33.75
CA LEU B 34 -19.33 17.88 33.86
C LEU B 34 -19.49 16.48 34.46
N GLU B 35 -18.65 15.55 34.04
CA GLU B 35 -18.67 14.17 34.56
C GLU B 35 -18.45 14.15 36.08
N ASN B 36 -17.50 14.97 36.54
CA ASN B 36 -17.07 15.06 37.92
C ASN B 36 -17.96 15.86 38.84
N ALA B 37 -19.01 16.51 38.29
CA ALA B 37 -19.96 17.30 39.05
C ALA B 37 -21.29 16.61 39.12
N GLY B 40 -23.19 12.56 46.58
CA GLY B 40 -22.83 13.92 46.26
C GLY B 40 -24.04 14.67 45.83
N ASP B 41 -24.39 14.56 44.55
CA ASP B 41 -25.67 14.99 44.05
C ASP B 41 -26.72 14.07 44.66
N ALA B 42 -26.49 12.76 44.53
CA ALA B 42 -27.42 11.76 45.04
C ALA B 42 -27.60 11.88 46.55
N THR B 43 -26.53 12.20 47.26
CA THR B 43 -26.60 12.37 48.69
C THR B 43 -27.45 13.55 49.09
N VAL B 44 -27.34 14.65 48.35
CA VAL B 44 -28.12 15.85 48.70
C VAL B 44 -29.58 15.61 48.38
N ARG B 45 -29.85 14.94 47.27
CA ARG B 45 -31.18 14.54 46.92
C ARG B 45 -31.82 13.67 47.97
N GLN B 46 -31.08 12.72 48.51
CA GLN B 46 -31.59 11.82 49.54
C GLN B 46 -31.92 12.56 50.83
N LYS B 47 -31.11 13.56 51.18
CA LYS B 47 -31.35 14.39 52.35
CA LYS B 47 -31.36 14.37 52.36
C LYS B 47 -32.67 15.15 52.21
N ILE B 48 -32.90 15.72 51.03
CA ILE B 48 -34.14 16.44 50.75
C ILE B 48 -35.31 15.48 50.74
N ALA B 49 -35.15 14.31 50.10
CA ALA B 49 -36.24 13.32 50.06
C ALA B 49 -36.68 12.92 51.45
N SER B 50 -35.75 12.86 52.42
CA SER B 50 -36.07 12.39 53.78
C SER B 50 -36.82 13.40 54.64
N LEU B 51 -36.99 14.62 54.13
CA LEU B 51 -37.79 15.66 54.83
C LEU B 51 -39.17 15.11 55.04
N PRO B 52 -39.84 15.53 56.10
CA PRO B 52 -41.17 14.96 56.35
C PRO B 52 -42.26 15.80 55.61
N GLN B 53 -43.39 15.22 55.33
CA GLN B 53 -44.39 15.98 54.52
C GLN B 53 -44.84 17.31 55.15
N GLU B 54 -44.74 17.44 56.48
CA GLU B 54 -45.18 18.62 57.22
C GLU B 54 -44.41 19.88 56.82
N VAL B 55 -43.21 19.75 56.25
CA VAL B 55 -42.51 20.95 55.80
C VAL B 55 -43.05 21.55 54.50
N GLN B 56 -43.85 20.79 53.74
CA GLN B 56 -44.30 21.25 52.42
C GLN B 56 -45.82 21.23 52.20
N ASP B 57 -46.57 20.85 53.20
CA ASP B 57 -48.04 20.72 53.12
C ASP B 57 -48.69 21.61 54.19
N VAL B 58 -49.12 22.78 53.74
CA VAL B 58 -49.67 23.75 54.62
C VAL B 58 -50.99 23.30 55.24
N SER B 59 -51.73 22.37 54.60
CA SER B 59 -53.02 21.85 55.24
C SER B 59 -52.79 21.09 56.55
N LEU B 60 -51.56 20.63 56.79
CA LEU B 60 -51.28 19.94 58.05
C LEU B 60 -50.97 20.84 59.25
N LEU B 61 -50.88 22.17 59.06
CA LEU B 61 -50.54 23.10 60.16
C LEU B 61 -51.53 23.05 61.29
N GLU B 62 -52.74 22.67 60.98
CA GLU B 62 -53.77 22.58 62.01
C GLU B 62 -53.41 21.60 63.10
N LYS B 63 -52.52 20.65 62.81
CA LYS B 63 -52.07 19.70 63.86
C LYS B 63 -51.16 20.40 64.89
N ILE B 64 -50.58 21.55 64.54
CA ILE B 64 -49.73 22.25 65.46
C ILE B 64 -50.65 23.02 66.42
N THR B 65 -50.68 22.62 67.69
CA THR B 65 -51.48 23.35 68.67
C THR B 65 -50.72 23.92 69.86
N ASP B 66 -49.40 23.81 69.88
CA ASP B 66 -48.59 24.50 70.90
C ASP B 66 -47.27 24.96 70.30
N LYS B 67 -46.60 25.85 71.01
CA LYS B 67 -45.34 26.43 70.56
C LYS B 67 -44.17 25.47 70.52
N GLU B 68 -44.21 24.40 71.32
CA GLU B 68 -43.11 23.43 71.30
C GLU B 68 -43.11 22.69 69.95
N ALA B 69 -44.30 22.25 69.56
CA ALA B 69 -44.48 21.59 68.29
C ALA B 69 -44.18 22.50 67.08
N ALA B 70 -44.63 23.76 67.18
CA ALA B 70 -44.33 24.76 66.17
C ALA B 70 -42.84 24.97 66.01
N GLU B 71 -42.14 25.10 67.11
CA GLU B 71 -40.69 25.28 67.07
C GLU B 71 -39.95 24.10 66.47
N ARG B 72 -40.36 22.87 66.82
CA ARG B 72 -39.74 21.69 66.18
C ARG B 72 -39.89 21.70 64.65
N LEU B 73 -41.11 22.02 64.19
CA LEU B 73 -41.35 22.07 62.73
C LEU B 73 -40.60 23.25 62.11
N SER B 74 -40.61 24.39 62.77
CA SER B 74 -39.90 25.56 62.28
C SER B 74 -38.42 25.27 62.03
N LYS B 75 -37.76 24.52 62.90
CA LYS B 75 -36.35 24.18 62.67
C LYS B 75 -36.24 23.36 61.42
N THR B 76 -37.13 22.39 61.27
CA THR B 76 -37.07 21.48 60.13
C THR B 76 -37.32 22.24 58.82
N VAL B 77 -38.26 23.16 58.86
CA VAL B 77 -38.56 24.04 57.72
C VAL B 77 -37.36 24.91 57.31
N ASP B 78 -36.69 25.49 58.29
CA ASP B 78 -35.49 26.29 58.03
C ASP B 78 -34.43 25.45 57.34
N GLU B 79 -34.17 24.25 57.85
CA GLU B 79 -33.17 23.40 57.20
C GLU B 79 -33.57 23.10 55.78
N ALA B 80 -34.85 22.82 55.58
CA ALA B 80 -35.35 22.51 54.25
C ALA B 80 -35.15 23.66 53.28
N CYS B 81 -35.43 24.89 53.70
CA CYS B 81 -35.18 26.08 52.82
C CYS B 81 -33.72 26.17 52.40
N LEU B 82 -32.79 26.02 53.35
CA LEU B 82 -31.35 26.02 53.03
C LEU B 82 -30.96 24.88 52.09
N LEU B 83 -31.41 23.67 52.41
CA LEU B 83 -31.05 22.51 51.56
C LEU B 83 -31.52 22.69 50.15
N LEU B 84 -32.77 23.12 49.99
CA LEU B 84 -33.34 23.26 48.64
C LEU B 84 -32.72 24.42 47.86
N ALA B 85 -32.51 25.55 48.52
CA ALA B 85 -31.85 26.66 47.84
C ALA B 85 -30.45 26.28 47.35
N GLU B 86 -29.67 25.60 48.20
CA GLU B 86 -28.29 25.23 47.81
C GLU B 86 -28.33 24.24 46.67
N TYR B 87 -29.23 23.30 46.76
CA TYR B 87 -29.31 22.29 45.76
C TYR B 87 -29.86 22.82 44.42
N ASN B 88 -30.88 23.67 44.49
CA ASN B 88 -31.42 24.25 43.28
C ASN B 88 -30.40 25.10 42.56
N GLY B 89 -29.56 25.81 43.31
CA GLY B 89 -28.49 26.60 42.70
C GLY B 89 -27.51 25.69 41.97
N ARG B 90 -27.13 24.60 42.63
CA ARG B 90 -26.19 23.60 42.09
C ARG B 90 -26.73 23.00 40.79
N LEU B 91 -27.98 22.54 40.82
CA LEU B 91 -28.63 22.02 39.63
C LEU B 91 -28.74 23.02 38.47
N ALA B 92 -29.14 24.25 38.79
CA ALA B 92 -29.24 25.30 37.76
C ALA B 92 -27.88 25.58 37.08
N ALA B 93 -26.81 25.56 37.87
CA ALA B 93 -25.47 25.78 37.34
C ALA B 93 -25.07 24.64 36.43
N GLU B 94 -25.45 23.43 36.78
CA GLU B 94 -25.14 22.28 35.94
C GLU B 94 -25.87 22.36 34.62
N LEU B 95 -27.15 22.75 34.64
CA LEU B 95 -27.84 22.99 33.37
C LEU B 95 -27.12 23.99 32.49
N GLU B 96 -26.61 25.05 33.08
CA GLU B 96 -25.86 26.07 32.31
C GLU B 96 -24.61 25.46 31.66
N ASP B 97 -23.86 24.66 32.43
CA ASP B 97 -22.69 23.96 31.92
C ASP B 97 -23.07 23.01 30.77
N ARG B 98 -24.22 22.35 30.88
CA ARG B 98 -24.67 21.45 29.82
C ARG B 98 -25.08 22.17 28.56
N ARG B 99 -25.73 23.31 28.69
CA ARG B 99 -26.09 24.07 27.50
C ARG B 99 -24.83 24.57 26.80
N GLN B 100 -23.80 24.87 27.60
CA GLN B 100 -22.52 25.37 27.08
C GLN B 100 -21.79 24.22 26.34
N LEU B 101 -21.75 23.04 26.96
CA LEU B 101 -21.20 21.87 26.31
C LEU B 101 -21.91 21.55 25.00
N ALA B 102 -23.24 21.60 25.01
CA ALA B 102 -24.02 21.37 23.81
C ALA B 102 -23.59 22.30 22.67
N ARG B 103 -23.41 23.59 22.99
CA ARG B 103 -22.92 24.56 21.98
C ARG B 103 -21.49 24.20 21.49
N MET B 104 -20.60 23.80 22.41
CA MET B 104 -19.25 23.36 22.04
C MET B 104 -19.25 22.11 21.15
N LEU B 105 -20.16 21.18 21.41
CA LEU B 105 -20.27 19.99 20.60
C LEU B 105 -20.75 20.31 19.19
N VAL B 106 -21.76 21.15 19.06
CA VAL B 106 -22.24 21.52 17.73
C VAL B 106 -21.12 22.19 16.92
N GLU B 107 -20.40 23.11 17.54
CA GLU B 107 -19.29 23.82 16.86
C GLU B 107 -18.18 22.82 16.47
N TYR B 108 -17.84 21.90 17.37
CA TYR B 108 -16.75 20.94 17.11
C TYR B 108 -17.13 19.97 16.01
N THR B 109 -18.38 19.53 16.02
CA THR B 109 -18.91 18.68 14.93
C THR B 109 -18.85 19.38 13.56
N GLN B 110 -19.32 20.62 13.44
CA GLN B 110 -19.21 21.39 12.18
C GLN B 110 -17.76 21.50 11.66
N ASN B 111 -16.82 21.77 12.56
CA ASN B 111 -15.39 21.80 12.18
C ASN B 111 -14.82 20.46 11.70
N GLN B 112 -15.23 19.38 12.37
CA GLN B 112 -14.83 18.02 11.95
C GLN B 112 -15.37 17.64 10.58
N LYS B 113 -16.60 18.01 10.29
CA LYS B 113 -17.15 17.78 8.95
C LYS B 113 -16.32 18.42 7.88
N ASP B 114 -15.91 19.68 8.10
CA ASP B 114 -15.10 20.41 7.16
C ASP B 114 -13.73 19.78 6.99
N VAL B 115 -13.11 19.40 8.09
CA VAL B 115 -11.81 18.74 8.05
C VAL B 115 -11.91 17.40 7.31
N LEU B 116 -12.97 16.66 7.58
CA LEU B 116 -13.16 15.36 6.96
C LEU B 116 -13.21 15.49 5.44
N SER B 117 -14.00 16.42 4.93
CA SER B 117 -14.17 16.52 3.48
C SER B 117 -12.90 17.02 2.80
N GLU B 118 -12.14 17.87 3.49
CA GLU B 118 -10.83 18.28 3.03
C GLU B 118 -9.89 17.10 2.90
N LYS B 119 -9.88 16.24 3.92
CA LYS B 119 -8.98 15.08 3.92
C LYS B 119 -9.37 14.03 2.87
N GLU B 120 -10.67 13.86 2.65
CA GLU B 120 -11.17 13.01 1.57
C GLU B 120 -10.65 13.47 0.20
N LYS B 121 -10.75 14.78 -0.05
CA LYS B 121 -10.21 15.35 -1.28
C LYS B 121 -8.69 15.09 -1.39
N LYS B 122 -7.95 15.33 -0.32
CA LYS B 122 -6.51 15.12 -0.31
C LYS B 122 -6.11 13.68 -0.59
N LEU B 123 -6.82 12.70 0.01
CA LEU B 123 -6.51 11.30 -0.25
C LEU B 123 -6.66 10.97 -1.74
N GLU B 124 -7.71 11.47 -2.41
CA GLU B 124 -7.82 11.26 -3.84
CA GLU B 124 -7.82 11.25 -3.85
C GLU B 124 -6.61 11.82 -4.60
N GLU B 125 -6.16 13.02 -4.24
CA GLU B 125 -5.02 13.64 -4.88
C GLU B 125 -3.75 12.84 -4.69
N TYR B 126 -3.58 12.26 -3.51
CA TYR B 126 -2.38 11.50 -3.21
C TYR B 126 -2.40 10.11 -3.87
N LYS B 127 -3.59 9.54 -4.05
CA LYS B 127 -3.73 8.32 -4.83
C LYS B 127 -3.37 8.57 -6.28
N GLN B 128 -3.85 9.68 -6.81
CA GLN B 128 -3.44 10.07 -8.18
C GLN B 128 -1.93 10.30 -8.29
N LYS B 129 -1.35 10.96 -7.27
CA LYS B 129 0.11 11.22 -7.26
C LYS B 129 0.90 9.89 -7.25
N LEU B 130 0.49 8.96 -6.40
CA LEU B 130 1.12 7.63 -6.37
C LEU B 130 1.00 6.92 -7.72
N ALA B 131 -0.13 7.09 -8.40
CA ALA B 131 -0.32 6.44 -9.71
C ALA B 131 0.60 7.06 -10.74
N ARG B 132 0.85 8.38 -10.68
CA ARG B 132 1.85 8.98 -11.58
C ARG B 132 3.26 8.50 -11.30
N VAL B 133 3.60 8.35 -10.02
CA VAL B 133 4.97 7.91 -9.66
C VAL B 133 5.18 6.49 -10.13
N THR B 134 4.14 5.67 -9.99
CA THR B 134 4.13 4.28 -10.48
C THR B 134 4.28 4.25 -11.98
N GLN B 135 3.60 5.16 -12.68
CA GLN B 135 3.78 5.23 -14.14
C GLN B 135 5.23 5.55 -14.49
N VAL B 136 5.86 6.46 -13.75
CA VAL B 136 7.30 6.75 -13.96
C VAL B 136 8.18 5.52 -13.67
N ARG B 137 7.91 4.83 -12.57
CA ARG B 137 8.68 3.63 -12.25
C ARG B 137 8.62 2.61 -13.37
N LYS B 138 7.41 2.37 -13.86
CA LYS B 138 7.22 1.41 -14.96
C LYS B 138 7.98 1.82 -16.20
N GLU B 139 7.81 3.08 -16.59
CA GLU B 139 8.40 3.56 -17.84
C GLU B 139 9.93 3.71 -17.74
N LEU B 140 10.44 3.95 -16.56
CA LEU B 140 11.90 4.03 -16.37
C LEU B 140 12.55 2.65 -16.56
N LYS B 141 11.85 1.58 -16.17
CA LYS B 141 12.35 0.18 -16.34
C LYS B 141 12.56 -0.11 -17.78
N SER B 142 11.69 0.41 -18.62
CA SER B 142 11.84 0.32 -20.06
C SER B 142 12.90 1.28 -20.63
N HIS B 143 12.89 2.53 -20.16
CA HIS B 143 13.81 3.55 -20.67
C HIS B 143 15.26 3.19 -20.41
N ILE B 144 15.55 2.65 -19.23
CA ILE B 144 16.90 2.31 -18.87
C ILE B 144 17.55 1.31 -19.84
N GLN B 145 16.75 0.47 -20.51
CA GLN B 145 17.27 -0.51 -21.47
C GLN B 145 17.80 0.14 -22.72
N SER B 146 17.27 1.29 -23.09
CA SER B 146 17.76 2.03 -24.25
C SER B 146 19.09 2.79 -23.99
N LEU B 147 19.55 2.88 -22.75
CA LEU B 147 20.74 3.68 -22.40
C LEU B 147 22.03 2.89 -22.44
N PRO B 148 23.19 3.60 -22.53
CA PRO B 148 24.49 3.03 -22.18
C PRO B 148 24.87 3.35 -20.71
N LEU C 22 25.99 -7.74 -24.06
CA LEU C 22 25.44 -6.53 -23.36
C LEU C 22 23.93 -6.71 -23.26
N LEU C 23 23.33 -6.85 -24.44
CA LEU C 23 21.91 -7.13 -24.68
C LEU C 23 21.58 -8.51 -24.09
N THR C 24 22.45 -9.47 -24.39
CA THR C 24 22.36 -10.81 -23.83
C THR C 24 22.57 -10.75 -22.33
N GLU C 25 23.62 -10.05 -21.91
CA GLU C 25 23.87 -9.84 -20.48
C GLU C 25 22.65 -9.22 -19.79
N GLU C 26 22.01 -8.27 -20.45
CA GLU C 26 20.84 -7.58 -19.89
C GLU C 26 19.68 -8.54 -19.77
N LEU C 27 19.44 -9.33 -20.81
CA LEU C 27 18.36 -10.32 -20.79
C LEU C 27 18.56 -11.36 -19.69
N ILE C 28 19.80 -11.79 -19.49
CA ILE C 28 20.12 -12.72 -18.41
C ILE C 28 19.84 -12.11 -17.02
N LYS C 29 20.32 -10.87 -16.78
CA LYS C 29 20.11 -10.17 -15.49
C LYS C 29 18.62 -10.13 -15.18
N ALA C 30 17.81 -9.74 -16.17
CA ALA C 30 16.36 -9.68 -16.02
C ALA C 30 15.76 -11.02 -15.65
N LEU C 31 16.20 -12.08 -16.33
CA LEU C 31 15.65 -13.43 -16.07
C LEU C 31 16.00 -13.90 -14.67
N GLN C 32 17.27 -13.72 -14.28
CA GLN C 32 17.73 -14.10 -12.94
CA GLN C 32 17.72 -14.10 -12.94
C GLN C 32 16.94 -13.38 -11.84
N ASP C 33 16.84 -12.05 -11.95
CA ASP C 33 16.15 -11.22 -10.96
C ASP C 33 14.75 -11.70 -10.73
N LEU C 34 13.99 -11.77 -11.81
CA LEU C 34 12.63 -12.23 -11.73
C LEU C 34 12.53 -13.59 -11.07
N GLU C 35 13.45 -14.49 -11.41
CA GLU C 35 13.46 -15.86 -10.85
C GLU C 35 13.62 -15.84 -9.34
N ASN C 36 14.47 -14.95 -8.85
CA ASN C 36 14.77 -14.87 -7.41
C ASN C 36 13.54 -14.56 -6.51
N ALA C 37 12.58 -13.80 -7.04
CA ALA C 37 11.38 -13.45 -6.26
C ALA C 37 10.42 -14.62 -5.87
N ALA C 38 10.42 -15.68 -6.67
CA ALA C 38 9.30 -16.69 -6.68
C ALA C 38 9.03 -17.47 -5.37
N SER C 39 10.11 -17.87 -4.67
CA SER C 39 9.99 -18.61 -3.40
C SER C 39 9.37 -17.72 -2.32
N GLY C 40 9.87 -16.49 -2.22
CA GLY C 40 9.31 -15.49 -1.31
C GLY C 40 7.83 -15.22 -1.59
N ASP C 41 7.42 -15.40 -2.85
CA ASP C 41 6.07 -15.07 -3.28
C ASP C 41 5.10 -16.09 -2.74
N ALA C 42 5.42 -17.37 -2.95
CA ALA C 42 4.54 -18.45 -2.54
C ALA C 42 4.35 -18.47 -1.01
N THR C 43 5.40 -18.15 -0.28
CA THR C 43 5.33 -18.09 1.18
C THR C 43 4.42 -17.00 1.67
N VAL C 44 4.45 -15.85 1.01
CA VAL C 44 3.61 -14.74 1.45
C VAL C 44 2.15 -15.09 1.14
N ARG C 45 1.92 -15.68 -0.01
CA ARG C 45 0.58 -16.10 -0.41
C ARG C 45 0.00 -17.14 0.58
N GLN C 46 0.82 -18.06 1.08
CA GLN C 46 0.37 -19.01 2.12
C GLN C 46 -0.01 -18.30 3.44
N LYS C 47 0.75 -17.26 3.77
CA LYS C 47 0.46 -16.47 4.98
C LYS C 47 -0.94 -15.80 4.86
N ILE C 48 -1.23 -15.28 3.70
CA ILE C 48 -2.48 -14.60 3.44
C ILE C 48 -3.65 -15.62 3.42
N ALA C 49 -3.41 -16.80 2.85
CA ALA C 49 -4.36 -17.89 2.89
C ALA C 49 -4.75 -18.32 4.29
N SER C 50 -3.80 -18.27 5.24
CA SER C 50 -4.02 -18.70 6.64
CA SER C 50 -4.04 -18.73 6.63
C SER C 50 -4.71 -17.67 7.51
N LEU C 51 -5.06 -16.51 6.95
CA LEU C 51 -5.90 -15.55 7.70
C LEU C 51 -7.25 -16.19 7.98
N PRO C 52 -7.86 -15.91 9.13
CA PRO C 52 -9.12 -16.55 9.47
C PRO C 52 -10.28 -15.74 8.88
N GLN C 53 -11.44 -16.40 8.75
CA GLN C 53 -12.61 -15.77 8.13
C GLN C 53 -13.02 -14.46 8.77
N GLU C 54 -12.83 -14.34 10.07
CA GLU C 54 -13.28 -13.18 10.81
C GLU C 54 -12.56 -11.88 10.41
N VAL C 55 -11.36 -11.92 9.80
CA VAL C 55 -10.70 -10.67 9.37
C VAL C 55 -11.26 -10.13 8.06
N GLN C 56 -12.00 -10.93 7.29
CA GLN C 56 -12.54 -10.50 6.01
C GLN C 56 -14.07 -10.61 5.79
N ASP C 57 -14.82 -11.01 6.79
CA ASP C 57 -16.29 -11.16 6.68
C ASP C 57 -16.99 -10.33 7.76
N VAL C 58 -17.46 -9.18 7.35
CA VAL C 58 -18.00 -8.21 8.31
C VAL C 58 -19.28 -8.70 8.93
N SER C 59 -20.04 -9.59 8.24
CA SER C 59 -21.25 -10.16 8.82
C SER C 59 -21.00 -10.95 10.10
N LEU C 60 -19.76 -11.37 10.37
CA LEU C 60 -19.46 -12.11 11.60
C LEU C 60 -19.19 -11.25 12.83
N LEU C 61 -19.15 -9.93 12.70
CA LEU C 61 -18.81 -9.05 13.84
C LEU C 61 -19.80 -9.19 15.01
N GLU C 62 -21.02 -9.57 14.68
CA GLU C 62 -22.03 -9.88 15.65
C GLU C 62 -21.62 -10.92 16.74
N LYS C 63 -20.66 -11.79 16.41
CA LYS C 63 -20.11 -12.73 17.38
C LYS C 63 -19.21 -12.07 18.42
N ILE C 64 -18.72 -10.86 18.14
CA ILE C 64 -17.86 -10.14 19.11
C ILE C 64 -18.78 -9.51 20.15
N THR C 65 -18.70 -9.96 21.40
CA THR C 65 -19.58 -9.41 22.43
C THR C 65 -18.86 -8.80 23.63
N ASP C 66 -17.53 -8.74 23.61
CA ASP C 66 -16.83 -7.93 24.59
C ASP C 66 -15.65 -7.20 23.95
N LYS C 67 -15.18 -6.15 24.61
CA LYS C 67 -14.09 -5.33 24.13
C LYS C 67 -12.76 -6.04 24.06
N GLU C 68 -12.57 -7.06 24.87
CA GLU C 68 -11.29 -7.73 24.81
C GLU C 68 -11.18 -8.49 23.49
N ALA C 69 -12.26 -9.18 23.13
CA ALA C 69 -12.31 -9.92 21.87
C ALA C 69 -12.19 -8.95 20.69
N ALA C 70 -12.88 -7.82 20.78
CA ALA C 70 -12.85 -6.80 19.74
C ALA C 70 -11.44 -6.29 19.52
N GLU C 71 -10.73 -6.00 20.62
CA GLU C 71 -9.36 -5.51 20.52
C GLU C 71 -8.42 -6.57 19.95
N ARG C 72 -8.60 -7.84 20.33
CA ARG C 72 -7.80 -8.92 19.71
C ARG C 72 -8.01 -8.99 18.21
N LEU C 73 -9.24 -8.90 17.76
CA LEU C 73 -9.55 -8.98 16.36
C LEU C 73 -9.00 -7.75 15.63
N SER C 74 -9.17 -6.58 16.23
CA SER C 74 -8.63 -5.36 15.60
C SER C 74 -7.11 -5.44 15.38
N LYS C 75 -6.36 -6.05 16.31
CA LYS C 75 -4.92 -6.24 16.13
C LYS C 75 -4.65 -7.16 14.93
N THR C 76 -5.39 -8.25 14.83
CA THR C 76 -5.22 -9.23 13.74
CA THR C 76 -5.17 -9.21 13.75
C THR C 76 -5.56 -8.61 12.41
N VAL C 77 -6.65 -7.82 12.40
CA VAL C 77 -7.09 -7.11 11.20
C VAL C 77 -6.01 -6.13 10.73
N ASP C 78 -5.43 -5.40 11.67
CA ASP C 78 -4.33 -4.46 11.32
C ASP C 78 -3.15 -5.19 10.71
N GLU C 79 -2.71 -6.30 11.30
CA GLU C 79 -1.65 -7.10 10.66
C GLU C 79 -2.05 -7.53 9.25
N ALA C 80 -3.30 -7.98 9.08
CA ALA C 80 -3.77 -8.43 7.76
C ALA C 80 -3.72 -7.33 6.72
N CYS C 81 -4.16 -6.13 7.08
CA CYS C 81 -4.10 -4.99 6.18
C CYS C 81 -2.68 -4.74 5.73
N LEU C 82 -1.72 -4.71 6.66
CA LEU C 82 -0.32 -4.48 6.32
C LEU C 82 0.20 -5.58 5.38
N LEU C 83 -0.03 -6.83 5.74
CA LEU C 83 0.44 -7.94 4.93
C LEU C 83 -0.11 -7.89 3.47
N LEU C 84 -1.41 -7.64 3.33
CA LEU C 84 -2.01 -7.56 2.01
C LEU C 84 -1.55 -6.30 1.22
N ALA C 85 -1.50 -5.16 1.88
CA ALA C 85 -0.99 -3.94 1.18
C ALA C 85 0.43 -4.11 0.71
N GLU C 86 1.28 -4.66 1.55
CA GLU C 86 2.70 -4.84 1.15
C GLU C 86 2.80 -5.86 0.02
N TYR C 87 2.01 -6.92 0.08
CA TYR C 87 2.08 -7.94 -0.94
C TYR C 87 1.49 -7.44 -2.27
N ASN C 88 0.38 -6.72 -2.21
CA ASN C 88 -0.22 -6.20 -3.43
C ASN C 88 0.70 -5.21 -4.14
N GLY C 89 1.44 -4.41 -3.38
CA GLY C 89 2.45 -3.52 -3.95
C GLY C 89 3.57 -4.29 -4.62
N ARG C 90 4.04 -5.31 -3.92
CA ARG C 90 5.06 -6.20 -4.44
C ARG C 90 4.62 -6.88 -5.72
N LEU C 91 3.44 -7.45 -5.70
CA LEU C 91 2.94 -8.16 -6.87
C LEU C 91 2.75 -7.23 -8.07
N ALA C 92 2.25 -6.03 -7.86
CA ALA C 92 2.09 -5.07 -8.93
C ALA C 92 3.46 -4.73 -9.59
N ALA C 93 4.50 -4.61 -8.77
CA ALA C 93 5.84 -4.27 -9.24
C ALA C 93 6.41 -5.45 -10.02
N GLU C 94 6.10 -6.66 -9.58
CA GLU C 94 6.52 -7.84 -10.31
C GLU C 94 5.82 -7.90 -11.68
N LEU C 95 4.52 -7.62 -11.73
CA LEU C 95 3.85 -7.59 -13.03
C LEU C 95 4.51 -6.63 -13.99
N GLU C 96 4.93 -5.46 -13.50
CA GLU C 96 5.67 -4.51 -14.34
C GLU C 96 6.94 -5.13 -14.86
N ASP C 97 7.72 -5.79 -13.99
CA ASP C 97 8.96 -6.44 -14.39
C ASP C 97 8.69 -7.51 -15.47
N ARG C 98 7.58 -8.23 -15.33
CA ARG C 98 7.22 -9.29 -16.32
C ARG C 98 6.79 -8.75 -17.63
N ARG C 99 6.08 -7.64 -17.64
CA ARG C 99 5.72 -7.04 -18.92
C ARG C 99 6.97 -6.53 -19.64
N GLN C 100 7.95 -6.08 -18.85
CA GLN C 100 9.21 -5.53 -19.38
C GLN C 100 10.02 -6.69 -19.95
N LEU C 101 10.13 -7.77 -19.20
CA LEU C 101 10.81 -8.97 -19.70
C LEU C 101 10.18 -9.45 -21.00
N ALA C 102 8.86 -9.50 -21.04
CA ALA C 102 8.16 -9.92 -22.24
C ALA C 102 8.60 -9.06 -23.42
N ARG C 103 8.68 -7.75 -23.23
CA ARG C 103 9.15 -6.85 -24.29
C ARG C 103 10.59 -7.15 -24.70
N MET C 104 11.44 -7.37 -23.72
CA MET C 104 12.83 -7.72 -23.99
C MET C 104 12.95 -9.03 -24.76
N LEU C 105 12.09 -9.98 -24.47
CA LEU C 105 12.11 -11.25 -25.19
C LEU C 105 11.69 -11.08 -26.64
N VAL C 106 10.63 -10.34 -26.89
CA VAL C 106 10.20 -10.12 -28.26
C VAL C 106 11.31 -9.46 -29.06
N GLU C 107 11.93 -8.44 -28.48
CA GLU C 107 13.00 -7.69 -29.14
C GLU C 107 14.21 -8.61 -29.39
N TYR C 108 14.56 -9.43 -28.41
CA TYR C 108 15.71 -10.31 -28.55
C TYR C 108 15.46 -11.36 -29.61
N THR C 109 14.24 -11.88 -29.65
CA THR C 109 13.85 -12.81 -30.71
C THR C 109 13.99 -12.23 -32.11
N GLN C 110 13.43 -11.04 -32.33
CA GLN C 110 13.60 -10.34 -33.60
C GLN C 110 15.09 -10.13 -34.00
N ASN C 111 15.92 -9.74 -33.05
CA ASN C 111 17.33 -9.59 -33.29
C ASN C 111 18.03 -10.90 -33.66
N GLN C 112 17.66 -12.00 -32.99
CA GLN C 112 18.21 -13.33 -33.32
C GLN C 112 17.85 -13.78 -34.73
N LYS C 113 16.62 -13.50 -35.16
CA LYS C 113 16.22 -13.77 -36.53
C LYS C 113 17.15 -13.07 -37.52
N ASP C 114 17.45 -11.80 -37.26
CA ASP C 114 18.33 -11.02 -38.14
C ASP C 114 19.74 -11.55 -38.14
N VAL C 115 20.25 -11.90 -36.96
CA VAL C 115 21.59 -12.46 -36.84
C VAL C 115 21.68 -13.82 -37.55
N LEU C 116 20.62 -14.62 -37.41
CA LEU C 116 20.59 -15.93 -38.02
C LEU C 116 20.72 -15.82 -39.54
N SER C 117 19.95 -14.95 -40.16
CA SER C 117 19.99 -14.81 -41.61
C SER C 117 21.32 -14.23 -42.09
N GLU C 118 21.92 -13.35 -41.30
CA GLU C 118 23.26 -12.83 -41.59
C GLU C 118 24.28 -13.98 -41.57
N LYS C 119 24.19 -14.86 -40.59
CA LYS C 119 25.13 -15.97 -40.45
C LYS C 119 24.94 -17.04 -41.55
N GLU C 120 23.69 -17.28 -41.93
CA GLU C 120 23.39 -18.08 -43.10
C GLU C 120 24.08 -17.54 -44.36
N LYS C 121 23.98 -16.23 -44.60
CA LYS C 121 24.65 -15.62 -45.74
C LYS C 121 26.17 -15.90 -45.66
N LYS C 122 26.75 -15.68 -44.49
CA LYS C 122 28.20 -15.86 -44.32
C LYS C 122 28.64 -17.28 -44.57
N LEU C 123 27.87 -18.25 -44.11
CA LEU C 123 28.21 -19.63 -44.39
C LEU C 123 28.19 -19.92 -45.89
N GLU C 124 27.21 -19.40 -46.61
CA GLU C 124 27.20 -19.58 -48.05
C GLU C 124 28.51 -19.02 -48.68
N GLU C 125 28.96 -17.88 -48.21
CA GLU C 125 30.20 -17.28 -48.73
C GLU C 125 31.43 -18.16 -48.45
N TYR C 126 31.46 -18.80 -47.29
CA TYR C 126 32.58 -19.71 -46.95
C TYR C 126 32.50 -21.05 -47.68
N LYS C 127 31.29 -21.50 -47.97
CA LYS C 127 31.12 -22.67 -48.81
C LYS C 127 31.63 -22.37 -50.21
N GLN C 128 31.29 -21.20 -50.72
CA GLN C 128 31.79 -20.78 -52.04
C GLN C 128 33.31 -20.68 -52.03
N LYS C 129 33.87 -20.16 -50.95
CA LYS C 129 35.31 -20.07 -50.85
C LYS C 129 35.94 -21.49 -50.88
N LEU C 130 35.40 -22.41 -50.10
CA LEU C 130 35.89 -23.78 -50.11
C LEU C 130 35.76 -24.41 -51.50
N ALA C 131 34.69 -24.11 -52.21
CA ALA C 131 34.55 -24.63 -53.59
C ALA C 131 35.61 -24.05 -54.54
N ARG C 132 35.97 -22.79 -54.39
CA ARG C 132 37.08 -22.25 -55.18
C ARG C 132 38.41 -22.93 -54.84
N VAL C 133 38.65 -23.17 -53.57
CA VAL C 133 39.92 -23.77 -53.17
C VAL C 133 40.01 -25.18 -53.70
N THR C 134 38.89 -25.90 -53.66
CA THR C 134 38.76 -27.24 -54.23
C THR C 134 39.02 -27.22 -55.73
N GLN C 135 38.51 -26.21 -56.42
CA GLN C 135 38.80 -26.07 -57.84
C GLN C 135 40.29 -25.90 -58.08
N VAL C 136 40.95 -25.05 -57.28
CA VAL C 136 42.40 -24.88 -57.41
C VAL C 136 43.14 -26.16 -57.11
N ARG C 137 42.75 -26.87 -56.06
CA ARG C 137 43.42 -28.13 -55.72
C ARG C 137 43.35 -29.14 -56.86
N LYS C 138 42.17 -29.30 -57.43
CA LYS C 138 41.96 -30.23 -58.55
C LYS C 138 42.80 -29.82 -59.74
N GLU C 139 42.74 -28.55 -60.09
CA GLU C 139 43.45 -28.07 -61.27
C GLU C 139 44.98 -28.04 -61.13
N LEU C 140 45.46 -27.85 -59.92
CA LEU C 140 46.90 -27.85 -59.65
C LEU C 140 47.45 -29.26 -59.82
N LYS C 141 46.65 -30.29 -59.46
CA LYS C 141 47.09 -31.69 -59.68
C LYS C 141 47.34 -31.97 -61.18
N SER C 142 46.47 -31.41 -62.02
CA SER C 142 46.62 -31.51 -63.47
C SER C 142 47.77 -30.64 -63.97
N HIS C 143 47.87 -29.42 -63.47
CA HIS C 143 48.93 -28.51 -63.91
C HIS C 143 50.30 -29.09 -63.66
N ILE C 144 50.48 -29.71 -62.50
CA ILE C 144 51.75 -30.29 -62.11
C ILE C 144 52.34 -31.28 -63.15
N GLN C 145 51.47 -31.98 -63.85
CA GLN C 145 51.90 -32.95 -64.87
C GLN C 145 52.54 -32.28 -66.08
N SER C 146 52.16 -31.04 -66.39
CA SER C 146 52.79 -30.31 -67.49
C SER C 146 54.20 -29.74 -67.16
N LEU C 147 54.60 -29.79 -65.89
CA LEU C 147 55.86 -29.19 -65.49
C LEU C 147 57.03 -30.16 -65.64
N PRO C 148 58.26 -29.65 -65.84
CA PRO C 148 59.44 -30.51 -65.70
C PRO C 148 59.82 -30.70 -64.23
N LEU D 22 14.18 -24.14 -13.88
CA LEU D 22 13.49 -25.12 -14.77
C LEU D 22 13.78 -24.76 -16.22
N LEU D 23 12.88 -24.05 -16.84
CA LEU D 23 13.22 -23.56 -18.13
C LEU D 23 14.21 -22.42 -18.01
N THR D 24 14.18 -21.66 -16.93
CA THR D 24 14.95 -20.42 -16.86
C THR D 24 16.43 -20.71 -16.84
N GLU D 25 16.84 -21.63 -15.97
CA GLU D 25 18.24 -22.05 -15.90
C GLU D 25 18.70 -22.55 -17.26
N GLU D 26 17.83 -23.31 -17.93
CA GLU D 26 18.16 -23.86 -19.26
C GLU D 26 18.32 -22.74 -20.30
N LEU D 27 17.40 -21.78 -20.30
CA LEU D 27 17.46 -20.65 -21.22
C LEU D 27 18.73 -19.81 -21.02
N ILE D 28 19.11 -19.60 -19.77
CA ILE D 28 20.35 -18.88 -19.45
C ILE D 28 21.58 -19.61 -19.97
N LYS D 29 21.68 -20.91 -19.70
CA LYS D 29 22.80 -21.73 -20.16
C LYS D 29 22.96 -21.60 -21.66
N ALA D 30 21.85 -21.72 -22.38
CA ALA D 30 21.86 -21.59 -23.85
C ALA D 30 22.36 -20.24 -24.31
N LEU D 31 21.92 -19.17 -23.66
CA LEU D 31 22.33 -17.80 -24.04
C LEU D 31 23.83 -17.57 -23.78
N GLN D 32 24.30 -17.99 -22.62
CA GLN D 32 25.73 -17.93 -22.27
C GLN D 32 26.60 -18.70 -23.26
N ASP D 33 26.23 -19.96 -23.52
CA ASP D 33 27.00 -20.85 -24.43
C ASP D 33 27.19 -20.19 -25.77
N LEU D 34 26.07 -19.84 -26.39
CA LEU D 34 26.11 -19.22 -27.68
C LEU D 34 27.02 -17.99 -27.67
N GLU D 35 26.94 -17.20 -26.60
CA GLU D 35 27.78 -15.99 -26.45
C GLU D 35 29.28 -16.32 -26.46
N ASN D 36 29.64 -17.39 -25.78
CA ASN D 36 31.05 -17.79 -25.65
C ASN D 36 31.77 -18.13 -26.97
N ALA D 37 31.04 -18.68 -27.95
CA ALA D 37 31.67 -19.12 -29.21
C ALA D 37 32.35 -17.99 -30.02
N ALA D 38 31.91 -16.74 -29.79
CA ALA D 38 32.44 -15.56 -30.58
C ALA D 38 33.99 -15.37 -30.68
N SER D 39 34.73 -15.54 -29.58
CA SER D 39 36.19 -15.27 -29.59
C SER D 39 36.98 -16.26 -30.48
N GLY D 40 36.74 -17.56 -30.25
CA GLY D 40 37.31 -18.63 -31.08
C GLY D 40 36.94 -18.47 -32.55
N ASP D 41 35.80 -17.82 -32.80
CA ASP D 41 35.26 -17.68 -34.10
C ASP D 41 36.07 -16.67 -34.90
N ALA D 42 36.27 -15.48 -34.32
CA ALA D 42 37.00 -14.41 -34.98
C ALA D 42 38.43 -14.80 -35.31
N THR D 43 39.04 -15.57 -34.43
CA THR D 43 40.39 -16.07 -34.67
C THR D 43 40.50 -17.00 -35.85
N VAL D 44 39.52 -17.88 -36.01
CA VAL D 44 39.57 -18.83 -37.11
C VAL D 44 39.32 -18.09 -38.41
N ARG D 45 38.40 -17.14 -38.38
CA ARG D 45 38.09 -16.31 -39.52
C ARG D 45 39.31 -15.54 -39.96
N GLN D 46 40.08 -15.00 -39.02
CA GLN D 46 41.31 -14.29 -39.34
C GLN D 46 42.36 -15.18 -39.99
N LYS D 47 42.44 -16.43 -39.54
CA LYS D 47 43.33 -17.41 -40.13
C LYS D 47 42.98 -17.66 -41.61
N ILE D 48 41.70 -17.82 -41.88
CA ILE D 48 41.24 -18.05 -43.23
C ILE D 48 41.46 -16.81 -44.10
N ALA D 49 41.16 -15.63 -43.55
CA ALA D 49 41.31 -14.38 -44.26
C ALA D 49 42.74 -14.19 -44.70
N SER D 50 43.71 -14.66 -43.89
CA SER D 50 45.16 -14.45 -44.18
C SER D 50 45.72 -15.37 -45.27
N LEU D 51 44.92 -16.34 -45.73
CA LEU D 51 45.29 -17.17 -46.89
C LEU D 51 45.60 -16.27 -48.06
N PRO D 52 46.55 -16.66 -48.91
CA PRO D 52 46.87 -15.85 -50.06
C PRO D 52 45.92 -16.11 -51.26
N GLN D 53 45.76 -15.13 -52.13
CA GLN D 53 44.75 -15.32 -53.22
C GLN D 53 45.00 -16.55 -54.12
N GLU D 54 46.24 -17.02 -54.20
CA GLU D 54 46.61 -18.15 -55.04
C GLU D 54 45.90 -19.46 -54.66
N VAL D 55 45.40 -19.59 -53.43
CA VAL D 55 44.69 -20.80 -53.07
C VAL D 55 43.27 -20.85 -53.58
N GLN D 56 42.74 -19.72 -54.07
CA GLN D 56 41.35 -19.70 -54.51
C GLN D 56 41.10 -19.14 -55.91
N ASP D 57 42.17 -18.77 -56.62
CA ASP D 57 42.07 -18.17 -57.95
C ASP D 57 42.85 -19.04 -58.95
N VAL D 58 42.11 -19.86 -59.66
CA VAL D 58 42.69 -20.79 -60.59
C VAL D 58 43.39 -20.10 -61.76
N SER D 59 42.97 -18.87 -62.14
CA SER D 59 43.67 -18.14 -63.24
C SER D 59 45.12 -17.83 -62.94
N LEU D 60 45.53 -17.88 -61.67
CA LEU D 60 46.91 -17.58 -61.32
C LEU D 60 47.86 -18.79 -61.38
N LEU D 61 47.34 -19.98 -61.70
CA LEU D 61 48.17 -21.18 -61.78
C LEU D 61 49.26 -21.06 -62.83
N GLU D 62 49.00 -20.26 -63.85
CA GLU D 62 49.99 -20.07 -64.90
C GLU D 62 51.32 -19.54 -64.37
N LYS D 63 51.34 -18.88 -63.22
CA LYS D 63 52.57 -18.45 -62.58
C LYS D 63 53.40 -19.60 -62.05
N ILE D 64 52.79 -20.77 -61.84
CA ILE D 64 53.53 -21.90 -61.37
C ILE D 64 54.23 -22.54 -62.58
N THR D 65 55.55 -22.50 -62.59
CA THR D 65 56.29 -23.10 -63.71
C THR D 65 57.30 -24.15 -63.29
N ASP D 66 57.38 -24.48 -62.02
CA ASP D 66 58.21 -25.62 -61.58
C ASP D 66 57.53 -26.36 -60.47
N LYS D 67 57.98 -27.58 -60.23
CA LYS D 67 57.41 -28.43 -59.19
C LYS D 67 57.65 -27.96 -57.74
N GLU D 68 58.70 -27.18 -57.50
CA GLU D 68 58.94 -26.70 -56.15
C GLU D 68 57.84 -25.69 -55.77
N ALA D 69 57.56 -24.79 -56.68
CA ALA D 69 56.53 -23.78 -56.50
C ALA D 69 55.14 -24.42 -56.40
N ALA D 70 54.91 -25.44 -57.21
CA ALA D 70 53.65 -26.20 -57.16
C ALA D 70 53.46 -26.83 -55.81
N GLU D 71 54.50 -27.49 -55.30
CA GLU D 71 54.43 -28.09 -54.00
C GLU D 71 54.18 -27.09 -52.87
N ARG D 72 54.84 -25.93 -52.92
CA ARG D 72 54.59 -24.88 -51.90
C ARG D 72 53.12 -24.46 -51.87
N LEU D 73 52.56 -24.24 -53.04
CA LEU D 73 51.15 -23.89 -53.13
C LEU D 73 50.25 -25.05 -52.69
N SER D 74 50.59 -26.24 -53.13
CA SER D 74 49.83 -27.43 -52.76
C SER D 74 49.70 -27.58 -51.24
N LYS D 75 50.78 -27.31 -50.48
CA LYS D 75 50.68 -27.39 -49.02
C LYS D 75 49.68 -26.36 -48.51
N THR D 76 49.75 -25.14 -49.04
CA THR D 76 48.89 -24.07 -48.58
C THR D 76 47.45 -24.33 -48.93
N VAL D 77 47.19 -24.88 -50.11
CA VAL D 77 45.85 -25.35 -50.55
C VAL D 77 45.29 -26.42 -49.62
N ASP D 78 46.10 -27.40 -49.27
CA ASP D 78 45.67 -28.46 -48.33
C ASP D 78 45.28 -27.86 -46.98
N GLU D 79 46.12 -26.95 -46.43
CA GLU D 79 45.77 -26.28 -45.15
C GLU D 79 44.42 -25.58 -45.29
N ALA D 80 44.24 -24.89 -46.42
CA ALA D 80 43.01 -24.15 -46.65
C ALA D 80 41.78 -25.03 -46.68
N CYS D 81 41.84 -26.16 -47.37
CA CYS D 81 40.72 -27.10 -47.38
C CYS D 81 40.33 -27.60 -45.99
N LEU D 82 41.32 -28.00 -45.18
CA LEU D 82 41.08 -28.37 -43.80
C LEU D 82 40.49 -27.24 -42.97
N LEU D 83 41.09 -26.05 -43.02
CA LEU D 83 40.59 -24.92 -42.23
C LEU D 83 39.14 -24.60 -42.57
N LEU D 84 38.84 -24.54 -43.85
CA LEU D 84 37.49 -24.16 -44.27
C LEU D 84 36.46 -25.28 -43.91
N ALA D 85 36.81 -26.54 -44.11
CA ALA D 85 35.93 -27.63 -43.69
C ALA D 85 35.64 -27.59 -42.19
N GLU D 86 36.66 -27.37 -41.37
CA GLU D 86 36.47 -27.31 -39.90
C GLU D 86 35.63 -26.13 -39.49
N TYR D 87 35.85 -25.02 -40.13
CA TYR D 87 35.13 -23.83 -39.79
C TYR D 87 33.70 -23.84 -40.33
N ASN D 88 33.51 -24.33 -41.54
CA ASN D 88 32.13 -24.47 -42.05
C ASN D 88 31.30 -25.45 -41.20
N GLY D 89 31.91 -26.51 -40.69
CA GLY D 89 31.22 -27.45 -39.76
C GLY D 89 30.82 -26.74 -38.47
N ARG D 90 31.73 -25.95 -37.96
CA ARG D 90 31.51 -25.17 -36.77
C ARG D 90 30.40 -24.13 -36.92
N LEU D 91 30.46 -23.40 -38.00
CA LEU D 91 29.40 -22.43 -38.31
C LEU D 91 28.03 -23.08 -38.53
N ALA D 92 27.97 -24.22 -39.21
CA ALA D 92 26.70 -24.95 -39.35
C ALA D 92 26.11 -25.37 -37.99
N ALA D 93 26.98 -25.78 -37.08
CA ALA D 93 26.56 -26.19 -35.76
C ALA D 93 26.05 -25.01 -34.98
N GLU D 94 26.66 -23.85 -35.17
CA GLU D 94 26.19 -22.65 -34.52
C GLU D 94 24.82 -22.27 -35.03
N LEU D 95 24.59 -22.35 -36.34
CA LEU D 95 23.24 -22.09 -36.84
C LEU D 95 22.21 -23.00 -36.20
N GLU D 96 22.54 -24.27 -35.99
CA GLU D 96 21.63 -25.22 -35.32
C GLU D 96 21.33 -24.75 -33.91
N ASP D 97 22.37 -24.34 -33.17
CA ASP D 97 22.20 -23.87 -31.81
C ASP D 97 21.30 -22.63 -31.79
N ARG D 98 21.43 -21.75 -32.79
CA ARG D 98 20.61 -20.55 -32.87
C ARG D 98 19.18 -20.83 -33.21
N ARG D 99 18.93 -21.79 -34.09
CA ARG D 99 17.55 -22.17 -34.35
C ARG D 99 16.90 -22.79 -33.10
N GLN D 100 17.70 -23.52 -32.30
CA GLN D 100 17.24 -24.17 -31.09
C GLN D 100 16.94 -23.10 -30.01
N LEU D 101 17.83 -22.14 -29.84
CA LEU D 101 17.57 -20.99 -28.96
C LEU D 101 16.29 -20.25 -29.37
N ALA D 102 16.13 -20.00 -30.68
CA ALA D 102 14.93 -19.31 -31.16
C ALA D 102 13.68 -20.05 -30.72
N ARG D 103 13.68 -21.36 -30.83
CA ARG D 103 12.57 -22.16 -30.37
C ARG D 103 12.36 -22.05 -28.85
N MET D 104 13.44 -22.09 -28.09
CA MET D 104 13.37 -21.94 -26.65
C MET D 104 12.81 -20.57 -26.24
N LEU D 105 13.17 -19.52 -26.99
CA LEU D 105 12.66 -18.21 -26.71
C LEU D 105 11.15 -18.14 -26.97
N VAL D 106 10.70 -18.66 -28.09
CA VAL D 106 9.27 -18.62 -28.37
C VAL D 106 8.48 -19.35 -27.27
N GLU D 107 8.96 -20.53 -26.87
CA GLU D 107 8.33 -21.33 -25.84
C GLU D 107 8.32 -20.59 -24.48
N TYR D 108 9.44 -19.98 -24.12
CA TYR D 108 9.54 -19.27 -22.86
C TYR D 108 8.63 -18.05 -22.86
N THR D 109 8.56 -17.34 -23.98
CA THR D 109 7.67 -16.22 -24.11
C THR D 109 6.22 -16.59 -23.91
N GLN D 110 5.77 -17.65 -24.57
CA GLN D 110 4.41 -18.19 -24.37
C GLN D 110 4.12 -18.52 -22.90
N ASN D 111 5.06 -19.19 -22.24
CA ASN D 111 4.95 -19.54 -20.81
C ASN D 111 4.84 -18.28 -19.90
N GLN D 112 5.61 -17.25 -20.21
CA GLN D 112 5.53 -15.97 -19.48
C GLN D 112 4.21 -15.27 -19.66
N LYS D 113 3.66 -15.29 -20.88
CA LYS D 113 2.33 -14.75 -21.12
C LYS D 113 1.30 -15.42 -20.22
N ASP D 114 1.35 -16.74 -20.12
CA ASP D 114 0.42 -17.47 -19.29
C ASP D 114 0.59 -17.13 -17.82
N VAL D 115 1.83 -17.06 -17.36
CA VAL D 115 2.10 -16.73 -15.98
C VAL D 115 1.65 -15.30 -15.67
N LEU D 116 1.88 -14.39 -16.60
CA LEU D 116 1.50 -13.00 -16.43
C LEU D 116 0.00 -12.87 -16.21
N SER D 117 -0.79 -13.53 -17.03
CA SER D 117 -2.24 -13.39 -16.92
C SER D 117 -2.77 -14.05 -15.66
N GLU D 118 -2.14 -15.14 -15.23
CA GLU D 118 -2.46 -15.79 -13.97
CA GLU D 118 -2.46 -15.77 -13.95
C GLU D 118 -2.21 -14.82 -12.79
N LYS D 119 -1.06 -14.16 -12.81
CA LYS D 119 -0.72 -13.23 -11.74
C LYS D 119 -1.63 -11.99 -11.74
N GLU D 120 -1.98 -11.48 -12.93
CA GLU D 120 -2.95 -10.36 -13.05
C GLU D 120 -4.28 -10.73 -12.38
N LYS D 121 -4.78 -11.92 -12.66
CA LYS D 121 -5.98 -12.39 -11.99
C LYS D 121 -5.79 -12.39 -10.46
N LYS D 122 -4.68 -12.95 -10.00
CA LYS D 122 -4.43 -13.07 -8.56
C LYS D 122 -4.37 -11.73 -7.89
N LEU D 123 -3.70 -10.76 -8.50
CA LEU D 123 -3.63 -9.43 -7.94
C LEU D 123 -5.04 -8.82 -7.77
N GLU D 124 -5.93 -8.99 -8.74
CA GLU D 124 -7.31 -8.54 -8.54
C GLU D 124 -7.97 -9.20 -7.34
N GLU D 125 -7.79 -10.50 -7.19
CA GLU D 125 -8.35 -11.23 -6.04
C GLU D 125 -7.81 -10.71 -4.71
N TYR D 126 -6.54 -10.37 -4.68
CA TYR D 126 -5.91 -9.91 -3.43
C TYR D 126 -6.29 -8.45 -3.12
N LYS D 127 -6.52 -7.64 -4.14
CA LYS D 127 -7.05 -6.28 -3.95
C LYS D 127 -8.44 -6.38 -3.37
N GLN D 128 -9.24 -7.29 -3.91
CA GLN D 128 -10.59 -7.51 -3.35
C GLN D 128 -10.51 -7.99 -1.90
N LYS D 129 -9.56 -8.88 -1.63
CA LYS D 129 -9.41 -9.40 -0.25
C LYS D 129 -9.04 -8.27 0.70
N LEU D 130 -8.10 -7.43 0.28
CA LEU D 130 -7.70 -6.29 1.12
C LEU D 130 -8.89 -5.36 1.37
N ALA D 131 -9.74 -5.18 0.37
CA ALA D 131 -10.91 -4.29 0.53
C ALA D 131 -11.89 -4.88 1.51
N ARG D 132 -12.05 -6.21 1.53
CA ARG D 132 -12.91 -6.85 2.56
C ARG D 132 -12.34 -6.69 3.97
N VAL D 133 -11.04 -6.87 4.12
CA VAL D 133 -10.40 -6.75 5.44
C VAL D 133 -10.55 -5.29 5.95
N THR D 134 -10.37 -4.33 5.02
CA THR D 134 -10.56 -2.89 5.32
C THR D 134 -11.99 -2.59 5.74
N GLN D 135 -12.96 -3.21 5.06
CA GLN D 135 -14.35 -3.06 5.47
C GLN D 135 -14.54 -3.57 6.89
N VAL D 136 -13.92 -4.71 7.23
CA VAL D 136 -13.99 -5.23 8.62
C VAL D 136 -13.32 -4.26 9.61
N ARG D 137 -12.15 -3.75 9.28
CA ARG D 137 -11.48 -2.80 10.18
C ARG D 137 -12.35 -1.56 10.45
N LYS D 138 -12.95 -1.01 9.42
CA LYS D 138 -13.82 0.15 9.55
C LYS D 138 -15.04 -0.15 10.41
N GLU D 139 -15.73 -1.23 10.10
CA GLU D 139 -16.96 -1.58 10.82
C GLU D 139 -16.67 -2.03 12.26
N LEU D 140 -15.48 -2.57 12.52
CA LEU D 140 -15.12 -2.95 13.89
C LEU D 140 -14.94 -1.73 14.77
N LYS D 141 -14.42 -0.64 14.19
CA LYS D 141 -14.23 0.62 14.95
C LYS D 141 -15.55 1.12 15.46
N SER D 142 -16.59 0.95 14.67
CA SER D 142 -17.93 1.28 15.09
C SER D 142 -18.54 0.23 16.05
N HIS D 143 -18.36 -1.05 15.74
CA HIS D 143 -18.94 -2.12 16.57
C HIS D 143 -18.40 -2.11 17.99
N ILE D 144 -17.11 -1.84 18.15
CA ILE D 144 -16.51 -1.86 19.46
C ILE D 144 -17.12 -0.85 20.42
N GLN D 145 -17.71 0.24 19.89
CA GLN D 145 -18.37 1.24 20.73
C GLN D 145 -19.64 0.74 21.38
N SER D 146 -20.32 -0.20 20.75
CA SER D 146 -21.54 -0.80 21.29
C SER D 146 -21.27 -1.83 22.40
N LEU D 147 -20.02 -2.23 22.61
CA LEU D 147 -19.69 -3.30 23.57
C LEU D 147 -19.39 -2.79 24.96
N PRO D 148 -19.51 -3.70 25.98
CA PRO D 148 -18.83 -3.54 27.25
C PRO D 148 -17.49 -4.26 27.23
UNK UNX E . -55.08 18.68 58.61
UNK UNX F . -47.59 13.39 58.34
UNK UNX G . -48.71 16.24 61.48
UNK UNX H . -7.95 -16.62 4.55
UNK UNX I . 1.41 -7.70 8.90
UNK UNX J . -1.99 -11.74 13.23
UNK UNX K . 54.50 -21.37 -54.90
#